data_6ERV
#
_entry.id   6ERV
#
_cell.length_a   58.976
_cell.length_b   72.908
_cell.length_c   109.471
_cell.angle_alpha   90.00
_cell.angle_beta   90.00
_cell.angle_gamma   90.00
#
_symmetry.space_group_name_H-M   'P 21 21 21'
#
loop_
_entity.id
_entity.type
_entity.pdbx_description
1 polymer 'cAMP-dependent protein kinase catalytic subunit alpha'
2 polymer 'cAMP-dependent protein kinase inhibitor'
3 non-polymer (4S)-2-METHYL-2,4-PENTANEDIOL
4 water water
#
loop_
_entity_poly.entity_id
_entity_poly.type
_entity_poly.pdbx_seq_one_letter_code
_entity_poly.pdbx_strand_id
1 'polypeptide(L)'
;GHMGNAAAAKKG(SEP)EQESVKEFLAKAKEEFLKKWESPSQNTAQLDHFDRIKTLGTGSFGRVMLVKHKETGNHYAMKI
LDKQKVVKLKQIEHTLNEKRILQAVNFPFLVKLEFSFKDNSNLYMVMEYVPGGEMFSHLRRIGRF(SEP)EPHARFYAAQ
IVLTFEYLHSLDLIYRDLKPENLLIDQQGYIQVTDFGFAKRVKGRTW(TPO)LCGTPEYLAPEIILSKGYNKAVDWWALG
VLIYEMAAGYPPFFADQPIQIYEKIVSGKVRFPSHFSSDLKDLLRNLLQVDLTKRFGNLKNGVNDIKNHKWFATTDWIAI
YQRKVEAPFIPKFKGPGDTSNFDDYEEEEIRV(SEP)INEKCGKEFTEF
;
A
2 'polypeptide(L)' TTYADFIASGRTGRRNAI B
#
loop_
_chem_comp.id
_chem_comp.type
_chem_comp.name
_chem_comp.formula
MPD non-polymer (4S)-2-METHYL-2,4-PENTANEDIOL 'C6 H14 O2'
#
# COMPACT_ATOMS: atom_id res chain seq x y z
N GLY A 1 -33.33 8.66 15.33
CA GLY A 1 -32.12 7.93 14.97
C GLY A 1 -30.85 8.76 15.18
N HIS A 2 -29.72 8.31 14.63
CA HIS A 2 -28.50 9.09 14.81
C HIS A 2 -28.47 10.34 13.92
N MET A 3 -29.13 10.32 12.76
CA MET A 3 -29.10 11.41 11.80
C MET A 3 -30.51 11.93 11.54
N GLY A 4 -30.68 13.24 11.59
CA GLY A 4 -31.85 13.86 11.05
C GLY A 4 -31.81 13.81 9.52
N ASN A 5 -32.88 14.34 8.92
CA ASN A 5 -33.12 14.16 7.49
C ASN A 5 -31.98 14.73 6.65
N ALA A 6 -31.51 15.94 6.99
CA ALA A 6 -30.51 16.60 6.15
C ALA A 6 -29.19 15.84 6.15
N ALA A 7 -28.73 15.38 7.32
CA ALA A 7 -27.49 14.63 7.35
C ALA A 7 -27.65 13.29 6.64
N ALA A 8 -28.83 12.67 6.75
CA ALA A 8 -29.03 11.36 6.13
C ALA A 8 -29.07 11.48 4.61
N ALA A 9 -29.74 12.53 4.10
CA ALA A 9 -29.80 12.73 2.66
C ALA A 9 -28.41 13.02 2.10
N LYS A 10 -27.67 13.93 2.76
CA LYS A 10 -26.31 14.25 2.35
C LYS A 10 -25.43 12.99 2.29
N LYS A 11 -25.44 12.17 3.35
CA LYS A 11 -24.65 10.94 3.34
C LYS A 11 -25.07 10.01 2.22
N GLY A 12 -26.38 9.82 2.05
CA GLY A 12 -26.89 8.99 0.97
C GLY A 12 -26.39 9.42 -0.41
N SEP A 13 -26.48 10.70 -0.69
CA SEP A 13 -26.01 11.20 -1.98
CB SEP A 13 -26.47 12.65 -2.15
OG SEP A 13 -25.64 13.33 -3.07
C SEP A 13 -24.49 11.01 -2.17
O SEP A 13 -24.03 10.69 -3.27
P SEP A 13 -26.47 14.46 -3.88
O1P SEP A 13 -26.93 15.60 -2.87
O2P SEP A 13 -25.51 15.05 -5.03
O3P SEP A 13 -27.75 13.82 -4.55
N GLU A 14 -23.71 11.20 -1.10
CA GLU A 14 -22.27 11.00 -1.15
C GLU A 14 -21.94 9.56 -1.48
N GLN A 15 -22.63 8.63 -0.82
CA GLN A 15 -22.41 7.21 -1.08
C GLN A 15 -22.83 6.85 -2.50
N GLU A 16 -23.94 7.40 -2.98
CA GLU A 16 -24.30 7.16 -4.37
C GLU A 16 -23.25 7.73 -5.32
N SER A 17 -22.67 8.88 -4.99
N SER A 17 -22.65 8.87 -4.99
CA SER A 17 -21.65 9.45 -5.88
CA SER A 17 -21.67 9.44 -5.90
C SER A 17 -20.42 8.56 -5.93
C SER A 17 -20.38 8.62 -5.90
N VAL A 18 -20.07 7.93 -4.81
CA VAL A 18 -18.92 7.04 -4.81
C VAL A 18 -19.15 5.88 -5.78
N LYS A 19 -20.35 5.27 -5.74
CA LYS A 19 -20.66 4.17 -6.66
C LYS A 19 -20.46 4.61 -8.09
N GLU A 20 -20.93 5.81 -8.40
CA GLU A 20 -20.83 6.32 -9.75
C GLU A 20 -19.37 6.53 -10.15
N PHE A 21 -18.56 7.05 -9.25
CA PHE A 21 -17.15 7.19 -9.55
C PHE A 21 -16.50 5.82 -9.74
N LEU A 22 -16.81 4.87 -8.87
CA LEU A 22 -16.18 3.56 -8.95
C LEU A 22 -16.54 2.88 -10.26
N ALA A 23 -17.79 3.04 -10.72
CA ALA A 23 -18.21 2.44 -11.98
C ALA A 23 -17.39 2.97 -13.15
N LYS A 24 -17.22 4.28 -13.23
CA LYS A 24 -16.34 4.79 -14.27
C LYS A 24 -14.90 4.36 -14.03
N ALA A 25 -14.50 4.23 -12.77
CA ALA A 25 -13.14 3.82 -12.47
C ALA A 25 -12.84 2.43 -13.01
N LYS A 26 -13.75 1.49 -12.76
N LYS A 26 -13.78 1.49 -12.82
CA LYS A 26 -13.61 0.14 -13.29
CA LYS A 26 -13.56 0.13 -13.29
C LYS A 26 -13.47 0.15 -14.81
C LYS A 26 -13.58 0.04 -14.81
N GLU A 27 -14.31 0.95 -15.48
CA GLU A 27 -14.28 1.01 -16.93
C GLU A 27 -12.91 1.44 -17.43
N GLU A 28 -12.34 2.51 -16.86
CA GLU A 28 -11.02 2.97 -17.29
C GLU A 28 -9.98 1.89 -17.02
N PHE A 29 -10.06 1.24 -15.85
CA PHE A 29 -9.09 0.22 -15.48
C PHE A 29 -9.13 -0.95 -16.44
N LEU A 30 -10.34 -1.47 -16.71
CA LEU A 30 -10.47 -2.67 -17.54
C LEU A 30 -9.92 -2.48 -18.94
N LYS A 31 -10.11 -1.29 -19.53
CA LYS A 31 -9.53 -1.05 -20.86
C LYS A 31 -8.02 -1.22 -20.81
N LYS A 32 -7.35 -0.57 -19.86
CA LYS A 32 -5.90 -0.67 -19.78
C LYS A 32 -5.45 -2.07 -19.36
N TRP A 33 -6.24 -2.74 -18.52
CA TRP A 33 -5.97 -4.11 -18.11
C TRP A 33 -5.99 -5.06 -19.30
N GLU A 34 -6.97 -4.89 -20.18
CA GLU A 34 -7.10 -5.81 -21.29
C GLU A 34 -6.12 -5.51 -22.42
N SER A 35 -5.60 -4.28 -22.48
CA SER A 35 -4.66 -3.84 -23.52
C SER A 35 -3.54 -3.03 -22.88
N PRO A 36 -2.57 -3.67 -22.25
CA PRO A 36 -1.55 -2.92 -21.51
C PRO A 36 -0.61 -2.15 -22.43
N SER A 37 -0.01 -1.09 -21.87
CA SER A 37 0.99 -0.31 -22.59
C SER A 37 2.38 -0.92 -22.41
N GLN A 38 3.17 -0.90 -23.49
CA GLN A 38 4.50 -1.50 -23.48
C GLN A 38 5.48 -0.54 -24.16
N ASN A 39 6.74 -0.58 -23.71
CA ASN A 39 7.88 0.00 -24.42
C ASN A 39 7.68 1.50 -24.71
N THR A 40 7.64 2.27 -23.63
CA THR A 40 7.32 3.69 -23.74
C THR A 40 8.52 4.59 -23.45
N ALA A 41 9.72 4.01 -23.38
CA ALA A 41 10.97 4.75 -23.17
C ALA A 41 12.12 3.78 -23.48
N GLN A 42 13.35 4.30 -23.43
CA GLN A 42 14.51 3.44 -23.54
C GLN A 42 15.57 3.91 -22.54
N LEU A 43 16.53 3.03 -22.29
CA LEU A 43 17.52 3.28 -21.24
C LEU A 43 18.30 4.57 -21.50
N ASP A 44 18.78 4.77 -22.73
CA ASP A 44 19.61 5.95 -22.93
C ASP A 44 18.83 7.26 -22.88
N HIS A 45 17.53 7.24 -22.57
CA HIS A 45 16.78 8.47 -22.32
C HIS A 45 17.04 9.05 -20.94
N PHE A 46 17.82 8.37 -20.10
CA PHE A 46 17.97 8.70 -18.70
C PHE A 46 19.45 8.71 -18.29
N ASP A 47 19.80 9.61 -17.39
CA ASP A 47 21.10 9.60 -16.75
C ASP A 47 21.01 8.80 -15.46
N ARG A 48 21.90 7.82 -15.29
CA ARG A 48 22.04 7.16 -13.98
C ARG A 48 22.54 8.18 -12.96
N ILE A 49 21.86 8.27 -11.81
CA ILE A 49 22.23 9.20 -10.75
C ILE A 49 22.75 8.47 -9.51
N LYS A 50 21.89 7.69 -8.85
CA LYS A 50 22.32 7.01 -7.65
C LYS A 50 21.53 5.73 -7.50
N THR A 51 22.23 4.67 -7.10
CA THR A 51 21.59 3.41 -6.70
C THR A 51 20.94 3.65 -5.33
N LEU A 52 19.62 3.68 -5.30
CA LEU A 52 18.87 3.87 -4.06
C LEU A 52 18.59 2.55 -3.35
N GLY A 53 18.77 1.42 -4.03
CA GLY A 53 18.37 0.17 -3.45
C GLY A 53 18.83 -0.99 -4.31
N THR A 54 18.94 -2.14 -3.65
CA THR A 54 19.41 -3.36 -4.30
C THR A 54 18.67 -4.52 -3.66
N GLY A 55 18.38 -5.53 -4.48
CA GLY A 55 17.56 -6.65 -4.03
C GLY A 55 17.84 -7.97 -4.72
N SER A 56 16.91 -8.93 -4.57
CA SER A 56 17.13 -10.26 -5.12
C SER A 56 16.94 -10.26 -6.64
N PHE A 57 15.93 -9.54 -7.14
CA PHE A 57 15.60 -9.54 -8.56
C PHE A 57 16.27 -8.41 -9.36
N GLY A 58 16.81 -7.39 -8.70
CA GLY A 58 17.40 -6.25 -9.39
C GLY A 58 17.58 -5.08 -8.43
N ARG A 59 17.73 -3.88 -9.02
CA ARG A 59 18.03 -2.67 -8.26
C ARG A 59 17.03 -1.55 -8.58
N VAL A 60 16.98 -0.58 -7.67
CA VAL A 60 16.29 0.69 -7.88
C VAL A 60 17.33 1.79 -8.03
N MET A 61 17.15 2.65 -9.03
CA MET A 61 18.08 3.74 -9.22
C MET A 61 17.33 5.03 -9.47
N LEU A 62 17.75 6.07 -8.77
CA LEU A 62 17.32 7.41 -9.15
C LEU A 62 17.95 7.72 -10.49
N VAL A 63 17.11 8.12 -11.45
CA VAL A 63 17.57 8.49 -12.78
C VAL A 63 17.01 9.86 -13.09
N LYS A 64 17.60 10.50 -14.09
CA LYS A 64 17.15 11.80 -14.56
C LYS A 64 16.90 11.69 -16.06
N HIS A 65 15.66 11.97 -16.47
CA HIS A 65 15.32 12.01 -17.89
C HIS A 65 16.15 13.07 -18.59
N LYS A 66 16.89 12.66 -19.62
CA LYS A 66 17.82 13.60 -20.25
C LYS A 66 17.09 14.77 -20.89
N GLU A 67 15.94 14.51 -21.52
CA GLU A 67 15.23 15.58 -22.24
C GLU A 67 14.66 16.61 -21.27
N THR A 68 13.92 16.17 -20.26
CA THR A 68 13.10 17.05 -19.45
C THR A 68 13.69 17.38 -18.08
N GLY A 69 14.76 16.69 -17.67
CA GLY A 69 15.31 16.92 -16.36
C GLY A 69 14.51 16.36 -15.20
N ASN A 70 13.38 15.69 -15.46
CA ASN A 70 12.61 15.10 -14.38
C ASN A 70 13.34 13.90 -13.80
N HIS A 71 13.18 13.71 -12.49
CA HIS A 71 13.75 12.58 -11.81
C HIS A 71 12.71 11.49 -11.69
N TYR A 72 13.18 10.25 -11.67
CA TYR A 72 12.30 9.10 -11.55
C TYR A 72 13.02 8.03 -10.75
N ALA A 73 12.25 7.14 -10.15
CA ALA A 73 12.83 5.96 -9.50
C ALA A 73 12.65 4.78 -10.46
N MET A 74 13.77 4.26 -10.99
CA MET A 74 13.76 3.21 -12.00
C MET A 74 14.07 1.87 -11.36
N LYS A 75 13.09 0.99 -11.36
CA LYS A 75 13.26 -0.39 -10.95
C LYS A 75 13.86 -1.17 -12.12
N ILE A 76 15.08 -1.69 -11.94
CA ILE A 76 15.75 -2.51 -12.94
C ILE A 76 15.71 -3.95 -12.46
N LEU A 77 15.23 -4.85 -13.31
CA LEU A 77 15.02 -6.26 -12.97
C LEU A 77 15.82 -7.11 -13.94
N ASP A 78 16.71 -7.95 -13.41
CA ASP A 78 17.47 -8.88 -14.25
C ASP A 78 16.57 -10.03 -14.70
N LYS A 79 16.32 -10.12 -16.01
CA LYS A 79 15.36 -11.11 -16.49
C LYS A 79 15.76 -12.51 -16.08
N GLN A 80 17.06 -12.84 -16.21
CA GLN A 80 17.53 -14.18 -15.84
C GLN A 80 17.37 -14.40 -14.34
N LYS A 81 17.66 -13.38 -13.52
CA LYS A 81 17.50 -13.57 -12.08
C LYS A 81 16.02 -13.70 -11.72
N VAL A 82 15.13 -12.97 -12.42
CA VAL A 82 13.70 -13.13 -12.20
C VAL A 82 13.29 -14.57 -12.49
N VAL A 83 13.75 -15.11 -13.62
CA VAL A 83 13.42 -16.49 -14.00
C VAL A 83 13.91 -17.48 -12.96
N LYS A 84 15.17 -17.32 -12.52
CA LYS A 84 15.77 -18.28 -11.58
C LYS A 84 15.09 -18.24 -10.22
N LEU A 85 14.52 -17.11 -9.84
CA LEU A 85 13.82 -16.98 -8.57
C LEU A 85 12.33 -17.29 -8.69
N LYS A 86 11.88 -17.81 -9.84
CA LYS A 86 10.47 -18.21 -10.03
C LYS A 86 9.52 -17.03 -9.79
N GLN A 87 9.90 -15.83 -10.25
CA GLN A 87 9.09 -14.63 -10.02
C GLN A 87 8.54 -14.01 -11.30
N ILE A 88 8.39 -14.82 -12.36
CA ILE A 88 7.91 -14.32 -13.65
C ILE A 88 6.50 -13.77 -13.52
N GLU A 89 5.60 -14.55 -12.92
CA GLU A 89 4.20 -14.12 -12.88
C GLU A 89 4.04 -12.88 -12.01
N HIS A 90 4.76 -12.83 -10.89
CA HIS A 90 4.68 -11.67 -10.01
C HIS A 90 5.15 -10.41 -10.71
N THR A 91 6.28 -10.49 -11.40
CA THR A 91 6.82 -9.35 -12.13
C THR A 91 5.85 -8.86 -13.19
N LEU A 92 5.37 -9.78 -14.02
CA LEU A 92 4.43 -9.46 -15.08
C LEU A 92 3.18 -8.82 -14.50
N ASN A 93 2.63 -9.43 -13.45
CA ASN A 93 1.40 -8.96 -12.86
C ASN A 93 1.55 -7.58 -12.22
N GLU A 94 2.67 -7.36 -11.52
CA GLU A 94 2.90 -6.08 -10.88
C GLU A 94 2.89 -4.95 -11.91
N LYS A 95 3.70 -5.11 -12.98
CA LYS A 95 3.70 -4.12 -14.06
C LYS A 95 2.31 -3.97 -14.68
N ARG A 96 1.60 -5.08 -14.90
CA ARG A 96 0.29 -4.98 -15.51
C ARG A 96 -0.70 -4.25 -14.60
N ILE A 97 -0.63 -4.47 -13.30
CA ILE A 97 -1.51 -3.70 -12.42
C ILE A 97 -1.13 -2.23 -12.47
N LEU A 98 0.16 -1.92 -12.37
CA LEU A 98 0.56 -0.52 -12.22
C LEU A 98 0.18 0.30 -13.43
N GLN A 99 0.33 -0.26 -14.64
CA GLN A 99 -0.01 0.49 -15.84
C GLN A 99 -1.50 0.64 -16.02
N ALA A 100 -2.33 -0.11 -15.29
CA ALA A 100 -3.79 -0.02 -15.43
C ALA A 100 -4.49 0.82 -14.36
N VAL A 101 -3.90 1.00 -13.18
CA VAL A 101 -4.58 1.71 -12.09
C VAL A 101 -4.32 3.20 -12.21
N ASN A 102 -5.19 4.00 -11.61
CA ASN A 102 -5.08 5.45 -11.61
C ASN A 102 -5.74 5.95 -10.34
N PHE A 103 -4.95 6.47 -9.40
CA PHE A 103 -5.54 6.94 -8.16
C PHE A 103 -4.52 7.87 -7.51
N PRO A 104 -4.94 8.94 -6.85
CA PRO A 104 -3.97 9.95 -6.42
C PRO A 104 -3.04 9.46 -5.30
N PHE A 105 -3.36 8.36 -4.62
CA PHE A 105 -2.49 7.82 -3.57
C PHE A 105 -1.73 6.56 -3.99
N LEU A 106 -1.68 6.25 -5.29
CA LEU A 106 -0.91 5.12 -5.81
C LEU A 106 0.25 5.64 -6.66
N VAL A 107 1.47 5.20 -6.33
CA VAL A 107 2.63 5.60 -7.13
C VAL A 107 2.39 5.29 -8.60
N LYS A 108 2.73 6.23 -9.48
CA LYS A 108 2.46 6.10 -10.90
C LYS A 108 3.68 5.56 -11.63
N LEU A 109 3.44 4.56 -12.50
CA LEU A 109 4.40 4.06 -13.48
C LEU A 109 4.42 5.02 -14.67
N GLU A 110 5.52 5.76 -14.85
CA GLU A 110 5.58 6.73 -15.94
C GLU A 110 6.09 6.09 -17.24
N PHE A 111 7.03 5.16 -17.17
CA PHE A 111 7.49 4.48 -18.37
C PHE A 111 7.80 3.04 -18.01
N SER A 112 7.85 2.22 -19.04
CA SER A 112 8.32 0.86 -18.88
C SER A 112 8.86 0.42 -20.22
N PHE A 113 9.89 -0.43 -20.16
CA PHE A 113 10.53 -1.00 -21.35
C PHE A 113 11.36 -2.19 -20.90
N LYS A 114 11.94 -2.88 -21.87
CA LYS A 114 12.89 -3.95 -21.57
C LYS A 114 13.98 -3.93 -22.64
N ASP A 115 15.11 -4.53 -22.31
CA ASP A 115 16.18 -4.71 -23.28
C ASP A 115 16.61 -6.18 -23.21
N ASN A 116 17.77 -6.49 -23.79
CA ASN A 116 18.20 -7.88 -23.87
C ASN A 116 18.28 -8.52 -22.48
N SER A 117 18.73 -7.77 -21.46
CA SER A 117 18.98 -8.35 -20.14
C SER A 117 17.92 -8.03 -19.09
N ASN A 118 17.30 -6.86 -19.16
CA ASN A 118 16.55 -6.38 -18.01
C ASN A 118 15.17 -5.88 -18.41
N LEU A 119 14.34 -5.79 -17.38
CA LEU A 119 13.07 -5.08 -17.39
C LEU A 119 13.24 -3.80 -16.59
N TYR A 120 12.57 -2.75 -17.01
CA TYR A 120 12.68 -1.44 -16.39
C TYR A 120 11.29 -0.90 -16.13
N MET A 121 11.06 -0.47 -14.90
CA MET A 121 9.85 0.22 -14.50
C MET A 121 10.26 1.59 -13.97
N VAL A 122 9.86 2.64 -14.67
CA VAL A 122 10.25 3.99 -14.32
C VAL A 122 9.06 4.62 -13.58
N MET A 123 9.23 4.87 -12.29
CA MET A 123 8.17 5.35 -11.43
C MET A 123 8.40 6.81 -11.06
N GLU A 124 7.30 7.47 -10.73
CA GLU A 124 7.39 8.73 -9.99
C GLU A 124 8.36 8.59 -8.83
N TYR A 125 9.22 9.59 -8.66
CA TYR A 125 10.18 9.59 -7.57
C TYR A 125 9.59 10.34 -6.38
N VAL A 126 9.60 9.73 -5.20
CA VAL A 126 9.08 10.40 -4.00
C VAL A 126 10.25 10.67 -3.05
N PRO A 127 10.81 11.88 -3.04
CA PRO A 127 12.00 12.13 -2.21
C PRO A 127 11.72 12.10 -0.72
N GLY A 128 10.48 12.31 -0.28
CA GLY A 128 10.19 12.20 1.15
C GLY A 128 10.50 10.83 1.75
N GLY A 129 10.51 9.77 0.95
CA GLY A 129 10.82 8.45 1.48
C GLY A 129 9.64 7.82 2.21
N GLU A 130 9.93 6.75 2.96
CA GLU A 130 8.89 5.90 3.52
C GLU A 130 8.30 6.48 4.82
N MET A 131 7.01 6.24 5.01
CA MET A 131 6.38 6.53 6.30
C MET A 131 7.16 5.88 7.45
N PHE A 132 7.67 4.68 7.21
CA PHE A 132 8.36 3.91 8.24
C PHE A 132 9.42 4.73 8.94
N SER A 133 10.25 5.44 8.17
N SER A 133 10.25 5.43 8.17
CA SER A 133 11.35 6.18 8.77
CA SER A 133 11.36 6.19 8.75
C SER A 133 10.85 7.41 9.53
C SER A 133 10.85 7.41 9.54
N HIS A 134 9.83 8.10 9.01
CA HIS A 134 9.25 9.20 9.75
C HIS A 134 8.60 8.72 11.06
N LEU A 135 7.92 7.59 11.02
CA LEU A 135 7.22 7.09 12.19
C LEU A 135 8.23 6.68 13.25
N ARG A 136 9.28 5.95 12.85
CA ARG A 136 10.28 5.54 13.83
C ARG A 136 11.00 6.74 14.40
N ARG A 137 11.18 7.80 13.61
CA ARG A 137 11.88 8.99 14.06
C ARG A 137 11.05 9.80 15.06
N ILE A 138 9.81 10.11 14.68
CA ILE A 138 8.91 10.89 15.52
C ILE A 138 8.41 10.05 16.68
N GLY A 139 8.40 8.71 16.56
CA GLY A 139 7.90 7.86 17.61
C GLY A 139 6.51 7.34 17.35
N ARG A 140 5.51 8.23 17.42
N ARG A 140 5.52 8.23 17.40
CA ARG A 140 4.13 7.88 17.05
CA ARG A 140 4.15 7.89 17.03
C ARG A 140 3.46 9.13 16.49
C ARG A 140 3.49 9.13 16.47
N PHE A 141 2.40 8.91 15.74
CA PHE A 141 1.64 10.02 15.18
C PHE A 141 0.44 10.27 16.08
N SEP A 142 0.12 11.54 16.33
CA SEP A 142 -1.08 11.88 17.08
CB SEP A 142 -1.20 13.39 17.25
OG SEP A 142 -1.69 13.93 16.03
C SEP A 142 -2.29 11.36 16.32
O SEP A 142 -2.20 11.11 15.10
P SEP A 142 -1.45 15.57 15.96
O1P SEP A 142 -2.17 16.30 17.23
O2P SEP A 142 0.13 15.82 15.90
O3P SEP A 142 -2.12 16.06 14.57
N GLU A 143 -3.43 11.17 16.98
CA GLU A 143 -4.56 10.60 16.26
C GLU A 143 -5.00 11.41 15.03
N PRO A 144 -5.04 12.75 15.08
CA PRO A 144 -5.44 13.45 13.85
C PRO A 144 -4.44 13.21 12.73
N HIS A 145 -3.17 13.13 13.06
CA HIS A 145 -2.14 12.83 12.08
C HIS A 145 -2.30 11.40 11.54
N ALA A 146 -2.44 10.40 12.43
CA ALA A 146 -2.67 9.05 11.95
C ALA A 146 -3.92 8.98 11.08
N ARG A 147 -4.94 9.75 11.43
CA ARG A 147 -6.23 9.65 10.76
C ARG A 147 -6.14 10.12 9.33
N PHE A 148 -5.37 11.19 9.09
CA PHE A 148 -5.20 11.72 7.75
C PHE A 148 -4.55 10.69 6.81
N TYR A 149 -3.57 9.94 7.30
CA TYR A 149 -3.00 8.86 6.50
C TYR A 149 -4.00 7.73 6.32
N ALA A 150 -4.66 7.32 7.42
CA ALA A 150 -5.64 6.23 7.37
C ALA A 150 -6.76 6.50 6.37
N ALA A 151 -7.25 7.74 6.33
CA ALA A 151 -8.30 8.07 5.38
C ALA A 151 -7.83 7.78 3.94
N GLN A 152 -6.59 8.17 3.62
CA GLN A 152 -6.10 7.91 2.26
C GLN A 152 -6.04 6.42 1.98
N ILE A 153 -5.64 5.62 2.97
CA ILE A 153 -5.61 4.18 2.74
C ILE A 153 -7.02 3.65 2.57
N VAL A 154 -7.97 4.12 3.38
CA VAL A 154 -9.36 3.66 3.23
C VAL A 154 -9.83 3.93 1.81
N LEU A 155 -9.58 5.14 1.30
CA LEU A 155 -10.00 5.45 -0.07
C LEU A 155 -9.30 4.59 -1.11
N THR A 156 -8.00 4.34 -0.92
CA THR A 156 -7.25 3.55 -1.89
C THR A 156 -7.73 2.11 -1.93
N PHE A 157 -7.99 1.53 -0.75
CA PHE A 157 -8.53 0.17 -0.70
C PHE A 157 -9.94 0.11 -1.31
N GLU A 158 -10.75 1.13 -1.04
CA GLU A 158 -12.08 1.17 -1.65
C GLU A 158 -11.96 1.15 -3.16
N TYR A 159 -10.99 1.90 -3.68
CA TYR A 159 -10.71 1.88 -5.11
C TYR A 159 -10.19 0.52 -5.57
N LEU A 160 -9.13 0.01 -4.94
CA LEU A 160 -8.57 -1.26 -5.41
C LEU A 160 -9.59 -2.39 -5.32
N HIS A 161 -10.31 -2.46 -4.22
CA HIS A 161 -11.26 -3.55 -4.02
C HIS A 161 -12.39 -3.51 -5.05
N SER A 162 -12.76 -2.31 -5.49
CA SER A 162 -13.78 -2.20 -6.55
C SER A 162 -13.28 -2.76 -7.86
N LEU A 163 -11.97 -2.87 -8.01
CA LEU A 163 -11.38 -3.47 -9.19
C LEU A 163 -11.09 -4.94 -8.96
N ASP A 164 -11.55 -5.51 -7.85
CA ASP A 164 -11.25 -6.89 -7.49
C ASP A 164 -9.77 -7.12 -7.25
N LEU A 165 -9.05 -6.09 -6.82
CA LEU A 165 -7.64 -6.21 -6.48
C LEU A 165 -7.49 -6.29 -4.96
N ILE A 166 -6.72 -7.27 -4.49
CA ILE A 166 -6.36 -7.33 -3.08
C ILE A 166 -4.92 -6.89 -3.00
N TYR A 167 -4.58 -6.03 -2.02
CA TYR A 167 -3.24 -5.44 -2.03
C TYR A 167 -2.23 -6.32 -1.32
N ARG A 168 -2.51 -6.71 -0.07
CA ARG A 168 -1.83 -7.77 0.67
C ARG A 168 -0.45 -7.40 1.21
N ASP A 169 -0.01 -6.14 1.15
CA ASP A 169 1.28 -5.88 1.78
C ASP A 169 1.32 -4.51 2.40
N LEU A 170 0.22 -4.11 3.06
CA LEU A 170 0.17 -2.83 3.75
C LEU A 170 1.14 -2.81 4.95
N LYS A 171 1.91 -1.76 5.06
CA LYS A 171 2.85 -1.53 6.16
C LYS A 171 3.51 -0.18 5.94
N PRO A 172 3.99 0.49 6.97
CA PRO A 172 4.62 1.81 6.75
C PRO A 172 5.78 1.76 5.78
N GLU A 173 6.50 0.64 5.72
CA GLU A 173 7.59 0.47 4.75
C GLU A 173 7.12 0.69 3.30
N ASN A 174 5.85 0.44 3.01
CA ASN A 174 5.35 0.53 1.65
C ASN A 174 4.57 1.81 1.39
N LEU A 175 4.59 2.77 2.31
CA LEU A 175 3.83 4.01 2.14
C LEU A 175 4.80 5.19 2.08
N LEU A 176 4.86 5.84 0.93
CA LEU A 176 5.75 6.97 0.77
C LEU A 176 4.97 8.25 1.03
N ILE A 177 5.67 9.27 1.47
CA ILE A 177 5.06 10.56 1.79
C ILE A 177 5.62 11.57 0.81
N ASP A 178 4.74 12.17 0.01
CA ASP A 178 5.21 13.00 -1.07
C ASP A 178 5.42 14.43 -0.57
N GLN A 179 5.75 15.35 -1.49
CA GLN A 179 6.07 16.69 -1.03
C GLN A 179 4.86 17.52 -0.63
N GLN A 180 3.63 17.03 -0.79
CA GLN A 180 2.53 17.72 -0.11
C GLN A 180 2.13 17.02 1.19
N GLY A 181 2.91 16.04 1.66
CA GLY A 181 2.59 15.30 2.85
C GLY A 181 1.57 14.18 2.67
N TYR A 182 1.18 13.87 1.44
CA TYR A 182 0.19 12.84 1.17
C TYR A 182 0.89 11.53 0.84
N ILE A 183 0.11 10.43 0.95
CA ILE A 183 0.63 9.06 0.86
C ILE A 183 0.69 8.62 -0.59
N GLN A 184 1.77 7.92 -0.94
CA GLN A 184 1.92 7.18 -2.18
C GLN A 184 2.12 5.71 -1.84
N VAL A 185 1.17 4.86 -2.23
CA VAL A 185 1.30 3.43 -1.96
C VAL A 185 2.23 2.86 -3.01
N THR A 186 3.23 2.10 -2.57
CA THR A 186 4.19 1.53 -3.48
C THR A 186 4.24 0.03 -3.26
N ASP A 187 4.68 -0.68 -4.31
CA ASP A 187 5.01 -2.10 -4.29
C ASP A 187 3.76 -2.97 -4.35
N PHE A 188 3.33 -3.24 -5.57
CA PHE A 188 2.22 -4.15 -5.85
C PHE A 188 2.67 -5.58 -6.11
N GLY A 189 3.82 -5.98 -5.57
CA GLY A 189 4.35 -7.29 -5.87
C GLY A 189 3.50 -8.43 -5.36
N PHE A 190 2.64 -8.19 -4.37
CA PHE A 190 1.78 -9.25 -3.86
C PHE A 190 0.32 -9.01 -4.18
N ALA A 191 -0.01 -7.94 -4.92
CA ALA A 191 -1.40 -7.68 -5.27
C ALA A 191 -1.89 -8.75 -6.24
N LYS A 192 -3.17 -9.10 -6.14
CA LYS A 192 -3.76 -10.11 -6.99
C LYS A 192 -5.14 -9.67 -7.40
N ARG A 193 -5.47 -9.84 -8.66
CA ARG A 193 -6.83 -9.58 -9.09
C ARG A 193 -7.64 -10.85 -8.93
N VAL A 194 -8.50 -10.92 -7.93
CA VAL A 194 -9.31 -12.12 -7.79
C VAL A 194 -10.66 -11.75 -7.20
N LYS A 195 -11.73 -12.25 -7.80
CA LYS A 195 -13.06 -11.93 -7.29
C LYS A 195 -13.38 -12.77 -6.06
N GLY A 196 -13.04 -14.05 -6.09
CA GLY A 196 -13.50 -14.84 -4.97
C GLY A 196 -12.53 -14.88 -3.81
N ARG A 197 -11.99 -16.04 -3.59
CA ARG A 197 -11.11 -16.29 -2.48
C ARG A 197 -9.78 -16.71 -3.07
N THR A 198 -8.70 -16.51 -2.30
CA THR A 198 -7.37 -16.94 -2.71
C THR A 198 -6.66 -17.56 -1.49
N TRP A 199 -5.53 -18.22 -1.74
CA TRP A 199 -4.90 -19.03 -0.70
C TRP A 199 -3.41 -18.77 -0.41
N TPO A 200 -2.76 -17.88 -1.16
CA TPO A 200 -1.31 -17.78 -1.08
CB TPO A 200 -0.74 -16.91 -2.21
CG2 TPO A 200 0.80 -16.91 -2.07
OG1 TPO A 200 -1.03 -17.51 -3.48
P TPO A 200 -1.98 -16.53 -4.31
O1P TPO A 200 -3.19 -16.01 -3.37
O2P TPO A 200 -2.49 -17.33 -5.57
O3P TPO A 200 -1.18 -15.34 -4.66
C TPO A 200 -0.89 -17.25 0.29
O TPO A 200 -1.45 -16.26 0.79
N LEU A 201 0.08 -17.93 0.88
CA LEU A 201 0.70 -17.44 2.10
C LEU A 201 1.68 -16.32 1.76
N CYS A 202 1.29 -15.07 2.00
CA CYS A 202 2.13 -13.95 1.60
C CYS A 202 1.72 -12.75 2.44
N GLY A 203 2.62 -11.78 2.54
CA GLY A 203 2.48 -10.61 3.40
C GLY A 203 3.62 -10.52 4.40
N THR A 204 3.45 -9.64 5.39
CA THR A 204 4.52 -9.39 6.37
C THR A 204 3.99 -9.82 7.72
N PRO A 205 4.75 -10.58 8.54
CA PRO A 205 4.16 -11.24 9.72
C PRO A 205 3.28 -10.37 10.59
N GLU A 206 3.77 -9.19 10.97
CA GLU A 206 3.01 -8.31 11.84
C GLU A 206 1.65 -7.94 11.25
N TYR A 207 1.52 -7.97 9.93
CA TYR A 207 0.35 -7.43 9.24
C TYR A 207 -0.60 -8.53 8.73
N LEU A 208 -0.27 -9.81 8.92
CA LEU A 208 -1.08 -10.92 8.41
C LEU A 208 -2.40 -11.08 9.18
N ALA A 209 -3.50 -11.13 8.46
CA ALA A 209 -4.77 -11.46 9.07
C ALA A 209 -4.78 -12.92 9.57
N PRO A 210 -5.54 -13.22 10.61
CA PRO A 210 -5.56 -14.60 11.13
C PRO A 210 -5.89 -15.64 10.07
N GLU A 211 -6.78 -15.32 9.12
CA GLU A 211 -7.18 -16.37 8.19
C GLU A 211 -6.10 -16.65 7.18
N ILE A 212 -5.10 -15.76 7.02
CA ILE A 212 -3.93 -16.12 6.24
C ILE A 212 -3.06 -17.10 7.03
N ILE A 213 -2.83 -16.80 8.31
CA ILE A 213 -2.08 -17.69 9.19
C ILE A 213 -2.75 -19.06 9.27
N LEU A 214 -4.06 -19.10 9.35
CA LEU A 214 -4.70 -20.38 9.59
C LEU A 214 -4.92 -21.21 8.32
N SER A 215 -4.33 -20.82 7.19
CA SER A 215 -4.41 -21.61 5.96
C SER A 215 -5.83 -21.73 5.45
N LYS A 216 -6.67 -20.77 5.80
CA LYS A 216 -7.97 -20.68 5.17
C LYS A 216 -7.80 -20.03 3.80
N GLY A 217 -8.75 -20.26 2.90
CA GLY A 217 -8.95 -19.29 1.83
C GLY A 217 -9.33 -17.94 2.42
N TYR A 218 -8.98 -16.85 1.73
CA TYR A 218 -9.31 -15.54 2.25
C TYR A 218 -9.64 -14.62 1.09
N ASN A 219 -10.15 -13.43 1.43
CA ASN A 219 -10.58 -12.46 0.43
C ASN A 219 -10.04 -11.08 0.80
N LYS A 220 -10.66 -10.05 0.23
CA LYS A 220 -10.14 -8.69 0.42
C LYS A 220 -10.24 -8.21 1.87
N ALA A 221 -10.98 -8.91 2.73
CA ALA A 221 -11.06 -8.49 4.12
C ALA A 221 -9.72 -8.58 4.82
N VAL A 222 -8.70 -9.25 4.26
CA VAL A 222 -7.38 -9.23 4.90
C VAL A 222 -6.75 -7.85 4.84
N ASP A 223 -7.07 -7.05 3.81
CA ASP A 223 -6.56 -5.69 3.72
C ASP A 223 -7.16 -4.78 4.80
N TRP A 224 -8.43 -5.04 5.20
CA TRP A 224 -9.05 -4.23 6.25
C TRP A 224 -8.46 -4.58 7.61
N TRP A 225 -8.16 -5.87 7.84
CA TRP A 225 -7.38 -6.23 9.02
C TRP A 225 -6.04 -5.49 9.04
N ALA A 226 -5.28 -5.55 7.93
CA ALA A 226 -3.99 -4.85 7.85
C ALA A 226 -4.15 -3.35 8.10
N LEU A 227 -5.26 -2.74 7.63
CA LEU A 227 -5.52 -1.35 7.97
C LEU A 227 -5.56 -1.16 9.49
N GLY A 228 -6.23 -2.07 10.19
CA GLY A 228 -6.22 -2.01 11.65
C GLY A 228 -4.82 -2.05 12.23
N VAL A 229 -3.98 -2.96 11.71
CA VAL A 229 -2.61 -3.02 12.21
C VAL A 229 -1.90 -1.71 11.95
N LEU A 230 -2.10 -1.14 10.76
CA LEU A 230 -1.43 0.09 10.39
C LEU A 230 -1.87 1.25 11.26
N ILE A 231 -3.18 1.39 11.48
CA ILE A 231 -3.63 2.51 12.29
C ILE A 231 -3.07 2.39 13.70
N TYR A 232 -3.10 1.19 14.25
CA TYR A 232 -2.55 0.95 15.58
C TYR A 232 -1.08 1.33 15.64
N GLU A 233 -0.29 0.86 14.67
CA GLU A 233 1.14 1.15 14.68
C GLU A 233 1.39 2.66 14.54
N MET A 234 0.63 3.34 13.67
CA MET A 234 0.83 4.78 13.49
C MET A 234 0.55 5.51 14.79
N ALA A 235 -0.48 5.10 15.53
CA ALA A 235 -0.91 5.83 16.72
C ALA A 235 -0.16 5.40 17.96
N ALA A 236 0.33 4.16 18.00
CA ALA A 236 1.08 3.69 19.16
C ALA A 236 2.58 3.87 19.03
N GLY A 237 3.11 3.80 17.81
CA GLY A 237 4.54 3.69 17.62
C GLY A 237 5.04 2.29 17.45
N TYR A 238 4.23 1.29 17.79
CA TYR A 238 4.55 -0.13 17.62
C TYR A 238 3.29 -0.87 17.20
N PRO A 239 3.43 -2.03 16.57
CA PRO A 239 2.27 -2.75 16.07
C PRO A 239 1.55 -3.48 17.20
N PRO A 240 0.30 -3.92 16.97
CA PRO A 240 -0.45 -4.61 18.07
C PRO A 240 0.06 -5.99 18.40
N PHE A 241 0.74 -6.66 17.46
CA PHE A 241 1.20 -8.04 17.66
C PHE A 241 2.68 -8.08 17.30
N PHE A 242 3.54 -8.32 18.28
CA PHE A 242 4.95 -8.44 17.99
C PHE A 242 5.55 -9.40 18.99
N ALA A 243 6.67 -10.00 18.59
CA ALA A 243 7.46 -10.90 19.41
C ALA A 243 8.78 -11.05 18.67
N ASP A 244 9.74 -11.76 19.28
CA ASP A 244 11.01 -11.81 18.55
C ASP A 244 11.00 -12.83 17.41
N GLN A 245 10.05 -13.77 17.38
CA GLN A 245 9.99 -14.64 16.20
C GLN A 245 8.58 -14.64 15.61
N PRO A 246 8.47 -14.78 14.29
CA PRO A 246 7.14 -14.73 13.66
C PRO A 246 6.09 -15.66 14.28
N ILE A 247 6.48 -16.89 14.64
CA ILE A 247 5.51 -17.87 15.12
C ILE A 247 4.77 -17.34 16.35
N GLN A 248 5.50 -16.66 17.26
CA GLN A 248 4.85 -16.10 18.44
C GLN A 248 3.98 -14.89 18.10
N ILE A 249 4.32 -14.19 17.02
CA ILE A 249 3.43 -13.14 16.51
C ILE A 249 2.13 -13.75 16.03
N TYR A 250 2.19 -14.86 15.28
CA TYR A 250 0.97 -15.49 14.77
C TYR A 250 0.06 -15.98 15.90
N GLU A 251 0.64 -16.51 16.98
CA GLU A 251 -0.17 -16.91 18.13
C GLU A 251 -0.96 -15.74 18.70
N LYS A 252 -0.33 -14.57 18.80
CA LYS A 252 -1.07 -13.40 19.28
C LYS A 252 -2.11 -13.00 18.25
N ILE A 253 -1.79 -13.09 16.96
CA ILE A 253 -2.74 -12.64 15.97
C ILE A 253 -4.03 -13.48 16.06
N VAL A 254 -3.89 -14.79 16.22
CA VAL A 254 -5.09 -15.62 16.16
C VAL A 254 -5.83 -15.66 17.50
N SER A 255 -5.18 -15.26 18.59
CA SER A 255 -5.77 -15.34 19.94
C SER A 255 -7.03 -14.49 20.11
N GLY A 256 -7.27 -13.49 19.29
CA GLY A 256 -8.46 -12.68 19.50
C GLY A 256 -8.32 -11.64 20.58
N LYS A 257 -7.11 -11.38 21.08
CA LYS A 257 -6.86 -10.42 22.13
C LYS A 257 -5.91 -9.36 21.59
N VAL A 258 -6.24 -8.09 21.80
CA VAL A 258 -5.34 -6.98 21.53
C VAL A 258 -5.45 -6.02 22.72
N ARG A 259 -4.33 -5.39 23.07
CA ARG A 259 -4.25 -4.41 24.15
C ARG A 259 -3.93 -3.05 23.55
N PHE A 260 -4.42 -2.00 24.19
CA PHE A 260 -4.19 -0.68 23.63
C PHE A 260 -3.43 0.19 24.61
N PRO A 261 -2.59 1.11 24.11
CA PRO A 261 -2.03 2.15 24.99
C PRO A 261 -3.13 2.95 25.68
N SER A 262 -2.82 3.48 26.87
CA SER A 262 -3.82 4.27 27.58
C SER A 262 -4.11 5.61 26.92
N HIS A 263 -3.23 6.10 26.02
CA HIS A 263 -3.53 7.34 25.32
C HIS A 263 -4.45 7.15 24.09
N PHE A 264 -4.77 5.92 23.66
CA PHE A 264 -5.77 5.74 22.61
C PHE A 264 -7.13 6.24 23.04
N SER A 265 -7.77 7.04 22.18
CA SER A 265 -9.13 7.46 22.45
C SER A 265 -10.06 6.24 22.41
N SER A 266 -11.21 6.36 23.08
CA SER A 266 -12.20 5.29 22.99
C SER A 266 -12.69 5.09 21.55
N ASP A 267 -12.90 6.17 20.78
CA ASP A 267 -13.28 6.00 19.37
C ASP A 267 -12.25 5.19 18.61
N LEU A 268 -10.96 5.47 18.82
CA LEU A 268 -9.91 4.72 18.14
C LEU A 268 -9.95 3.23 18.52
N LYS A 269 -9.98 2.93 19.82
CA LYS A 269 -10.09 1.54 20.25
C LYS A 269 -11.31 0.84 19.65
N ASP A 270 -12.47 1.51 19.59
CA ASP A 270 -13.64 0.87 18.99
C ASP A 270 -13.40 0.52 17.52
N LEU A 271 -12.90 1.47 16.75
CA LEU A 271 -12.57 1.22 15.35
C LEU A 271 -11.61 0.03 15.22
N LEU A 272 -10.55 0.02 16.03
CA LEU A 272 -9.55 -1.02 15.90
C LEU A 272 -10.09 -2.36 16.34
N ARG A 273 -11.00 -2.40 17.32
CA ARG A 273 -11.57 -3.71 17.66
C ARG A 273 -12.44 -4.24 16.53
N ASN A 274 -13.02 -3.35 15.72
CA ASN A 274 -13.85 -3.79 14.63
C ASN A 274 -13.03 -4.14 13.38
N LEU A 275 -11.84 -3.57 13.22
CA LEU A 275 -10.94 -3.94 12.14
C LEU A 275 -10.12 -5.18 12.50
N LEU A 276 -9.57 -5.23 13.72
CA LEU A 276 -8.75 -6.34 14.20
C LEU A 276 -9.67 -7.42 14.77
N GLN A 277 -10.63 -7.82 13.96
CA GLN A 277 -11.72 -8.71 14.35
C GLN A 277 -11.44 -10.05 13.66
N VAL A 278 -11.16 -11.07 14.48
CA VAL A 278 -10.88 -12.40 13.95
C VAL A 278 -12.09 -12.95 13.20
N ASP A 279 -13.28 -12.77 13.76
CA ASP A 279 -14.51 -13.30 13.17
C ASP A 279 -14.86 -12.52 11.92
N LEU A 280 -14.82 -13.19 10.78
CA LEU A 280 -15.01 -12.50 9.50
C LEU A 280 -16.40 -11.96 9.33
N THR A 281 -17.39 -12.53 10.02
CA THR A 281 -18.76 -12.05 9.96
C THR A 281 -18.97 -10.76 10.75
N LYS A 282 -17.97 -10.33 11.51
CA LYS A 282 -18.05 -9.11 12.29
C LYS A 282 -17.00 -8.08 11.89
N ARG A 283 -16.13 -8.37 10.91
CA ARG A 283 -15.03 -7.46 10.63
C ARG A 283 -15.50 -6.33 9.74
N PHE A 284 -15.26 -5.09 10.19
CA PHE A 284 -15.59 -3.94 9.39
C PHE A 284 -14.88 -4.02 8.06
N GLY A 285 -15.54 -3.53 7.03
CA GLY A 285 -15.08 -3.71 5.68
C GLY A 285 -15.63 -4.96 5.05
N ASN A 286 -16.03 -5.95 5.84
CA ASN A 286 -16.52 -7.23 5.34
C ASN A 286 -18.04 -7.41 5.52
N LEU A 287 -18.76 -6.42 6.01
CA LEU A 287 -20.17 -6.62 6.33
C LEU A 287 -21.04 -6.09 5.19
N LYS A 288 -22.36 -6.14 5.40
CA LYS A 288 -23.27 -5.75 4.34
C LYS A 288 -23.03 -4.31 3.89
N ASN A 289 -22.75 -3.40 4.82
CA ASN A 289 -22.46 -2.02 4.42
C ASN A 289 -21.02 -1.81 3.96
N GLY A 290 -20.23 -2.85 3.82
CA GLY A 290 -18.92 -2.69 3.19
C GLY A 290 -18.09 -1.61 3.84
N VAL A 291 -17.50 -0.76 3.01
CA VAL A 291 -16.56 0.23 3.49
C VAL A 291 -17.26 1.36 4.24
N ASN A 292 -18.57 1.47 4.12
CA ASN A 292 -19.26 2.56 4.81
C ASN A 292 -19.21 2.38 6.31
N ASP A 293 -19.15 1.14 6.81
CA ASP A 293 -18.95 0.98 8.25
C ASP A 293 -17.67 1.66 8.71
N ILE A 294 -16.64 1.70 7.87
CA ILE A 294 -15.39 2.36 8.26
C ILE A 294 -15.50 3.87 8.12
N LYS A 295 -15.96 4.32 6.95
CA LYS A 295 -16.01 5.74 6.66
C LYS A 295 -16.98 6.47 7.57
N ASN A 296 -17.99 5.76 8.05
CA ASN A 296 -19.01 6.34 8.90
C ASN A 296 -18.69 6.20 10.38
N HIS A 297 -17.57 5.55 10.72
CA HIS A 297 -17.23 5.35 12.12
C HIS A 297 -16.91 6.69 12.81
N LYS A 298 -17.21 6.76 14.11
CA LYS A 298 -16.99 7.96 14.92
C LYS A 298 -15.56 8.48 14.82
N TRP A 299 -14.58 7.58 14.69
CA TRP A 299 -13.21 8.08 14.66
C TRP A 299 -12.92 8.89 13.41
N PHE A 300 -13.68 8.67 12.33
CA PHE A 300 -13.53 9.43 11.10
C PHE A 300 -14.57 10.55 10.96
N ALA A 301 -15.25 10.93 12.05
CA ALA A 301 -16.32 11.92 11.95
C ALA A 301 -15.83 13.27 11.40
N THR A 302 -14.60 13.66 11.69
CA THR A 302 -14.12 14.93 11.15
C THR A 302 -13.49 14.76 9.77
N THR A 303 -13.54 13.58 9.17
CA THR A 303 -12.84 13.39 7.91
C THR A 303 -13.73 13.86 6.77
N ASP A 304 -13.22 14.79 5.97
CA ASP A 304 -13.89 15.20 4.72
C ASP A 304 -13.30 14.33 3.61
N TRP A 305 -14.01 13.24 3.25
CA TRP A 305 -13.47 12.24 2.33
C TRP A 305 -13.19 12.83 0.95
N ILE A 306 -14.06 13.70 0.45
CA ILE A 306 -13.83 14.34 -0.84
C ILE A 306 -12.63 15.27 -0.77
N ALA A 307 -12.52 16.08 0.29
CA ALA A 307 -11.38 16.98 0.38
C ALA A 307 -10.06 16.21 0.43
N ILE A 308 -10.04 15.06 1.10
CA ILE A 308 -8.85 14.21 1.12
C ILE A 308 -8.53 13.72 -0.29
N TYR A 309 -9.51 13.09 -0.94
CA TYR A 309 -9.33 12.66 -2.33
C TYR A 309 -8.87 13.78 -3.23
N GLN A 310 -9.45 14.97 -3.07
CA GLN A 310 -9.05 16.10 -3.88
C GLN A 310 -7.74 16.72 -3.40
N ARG A 311 -7.16 16.24 -2.30
CA ARG A 311 -5.87 16.73 -1.81
C ARG A 311 -5.94 18.18 -1.37
N LYS A 312 -7.09 18.58 -0.86
CA LYS A 312 -7.31 19.95 -0.44
C LYS A 312 -7.07 20.13 1.06
N VAL A 313 -6.94 19.05 1.81
CA VAL A 313 -6.68 19.10 3.23
C VAL A 313 -5.19 19.36 3.45
N GLU A 314 -4.88 20.35 4.29
CA GLU A 314 -3.49 20.60 4.63
C GLU A 314 -2.91 19.40 5.38
N ALA A 315 -1.80 18.89 4.88
CA ALA A 315 -1.18 17.73 5.51
C ALA A 315 -0.66 18.12 6.88
N PRO A 316 -0.60 17.16 7.82
CA PRO A 316 -0.04 17.47 9.14
C PRO A 316 1.48 17.56 9.13
N PHE A 317 2.14 17.10 8.08
CA PHE A 317 3.60 17.03 8.08
C PHE A 317 4.07 17.07 6.62
N ILE A 318 5.07 17.89 6.33
CA ILE A 318 5.68 17.98 4.99
C ILE A 318 7.15 17.58 5.11
N PRO A 319 7.61 16.50 4.49
CA PRO A 319 9.04 16.16 4.59
C PRO A 319 9.90 17.30 4.07
N LYS A 320 11.09 17.42 4.66
CA LYS A 320 11.97 18.54 4.33
C LYS A 320 12.46 18.42 2.88
N PHE A 321 12.15 19.41 2.04
CA PHE A 321 12.69 19.49 0.67
C PHE A 321 14.22 19.70 0.65
N PRO A 324 14.65 19.28 -5.68
CA PRO A 324 14.52 17.97 -6.33
C PRO A 324 15.83 17.19 -6.40
N GLY A 325 15.72 15.86 -6.33
CA GLY A 325 16.86 14.99 -6.43
C GLY A 325 17.62 14.71 -5.15
N ASP A 326 17.24 15.33 -4.02
CA ASP A 326 17.91 15.04 -2.75
C ASP A 326 17.78 13.56 -2.43
N THR A 327 18.92 12.89 -2.28
CA THR A 327 18.95 11.46 -1.98
C THR A 327 19.53 11.18 -0.60
N SER A 328 19.14 11.96 0.40
CA SER A 328 19.62 11.74 1.76
C SER A 328 18.55 11.04 2.59
N ASN A 329 17.50 11.78 2.93
CA ASN A 329 16.40 11.27 3.77
C ASN A 329 15.26 10.74 2.91
N ILE A 338 25.57 -1.68 -14.21
CA ILE A 338 24.36 -2.10 -14.93
C ILE A 338 24.67 -2.41 -16.39
N ARG A 339 24.73 -3.71 -16.74
CA ARG A 339 25.22 -4.18 -18.03
C ARG A 339 24.11 -4.84 -18.87
N VAL A 340 24.29 -4.79 -20.19
CA VAL A 340 23.28 -5.23 -21.16
C VAL A 340 23.88 -6.18 -22.18
N SEP A 341 23.53 -7.46 -22.09
CA SEP A 341 24.09 -8.48 -22.98
CB SEP A 341 23.55 -9.87 -22.63
OG SEP A 341 24.52 -10.63 -21.92
C SEP A 341 23.81 -8.20 -24.45
O SEP A 341 22.83 -7.54 -24.78
P SEP A 341 25.47 -11.41 -22.95
O1P SEP A 341 24.59 -11.95 -24.18
O2P SEP A 341 26.62 -10.45 -23.50
O3P SEP A 341 26.08 -12.68 -22.16
N ILE A 342 24.70 -8.69 -25.31
CA ILE A 342 24.52 -8.58 -26.75
C ILE A 342 23.43 -9.57 -27.19
N ASN A 343 23.25 -10.63 -26.39
CA ASN A 343 22.22 -11.64 -26.64
C ASN A 343 21.02 -11.39 -25.73
N GLU A 344 19.82 -11.51 -26.31
CA GLU A 344 18.57 -11.37 -25.56
C GLU A 344 18.31 -12.61 -24.70
N LYS A 345 18.03 -12.39 -23.42
CA LYS A 345 17.78 -13.47 -22.47
C LYS A 345 16.30 -13.51 -22.10
N CYS A 346 15.70 -14.70 -22.15
CA CYS A 346 14.34 -14.92 -21.64
C CYS A 346 13.30 -14.09 -22.40
N GLY A 347 13.40 -14.10 -23.73
CA GLY A 347 12.47 -13.34 -24.54
C GLY A 347 11.03 -13.82 -24.40
N LYS A 348 10.83 -15.14 -24.52
CA LYS A 348 9.48 -15.70 -24.46
C LYS A 348 8.81 -15.39 -23.14
N GLU A 349 9.54 -15.55 -22.03
CA GLU A 349 8.92 -15.39 -20.71
C GLU A 349 8.38 -13.99 -20.50
N PHE A 350 8.97 -12.99 -21.15
CA PHE A 350 8.61 -11.61 -20.86
C PHE A 350 7.99 -10.90 -22.05
N THR A 351 7.44 -11.67 -23.01
CA THR A 351 6.75 -11.09 -24.17
C THR A 351 5.78 -9.99 -23.76
N GLU A 352 5.04 -10.21 -22.66
CA GLU A 352 3.98 -9.29 -22.27
C GLU A 352 4.50 -8.02 -21.61
N PHE A 353 5.75 -8.00 -21.16
CA PHE A 353 6.23 -6.84 -20.43
C PHE A 353 6.42 -5.64 -21.39
N THR B 1 7.42 -2.45 30.16
CA THR B 1 6.44 -1.75 29.33
C THR B 1 6.36 -2.33 27.93
N THR B 2 5.23 -2.07 27.26
CA THR B 2 5.04 -2.55 25.89
C THR B 2 6.13 -2.00 24.96
N TYR B 3 6.40 -0.70 25.04
CA TYR B 3 7.46 -0.12 24.21
C TYR B 3 8.81 -0.80 24.44
N ALA B 4 9.17 -1.05 25.70
CA ALA B 4 10.42 -1.75 25.98
C ALA B 4 10.39 -3.15 25.38
N ASP B 5 9.22 -3.81 25.45
CA ASP B 5 9.06 -5.12 24.83
C ASP B 5 9.26 -5.02 23.31
N PHE B 6 8.77 -3.96 22.71
CA PHE B 6 8.94 -3.82 21.27
C PHE B 6 10.42 -3.74 20.91
N ILE B 7 11.15 -2.89 21.61
CA ILE B 7 12.59 -2.77 21.40
C ILE B 7 13.25 -4.13 21.59
N ALA B 8 12.92 -4.84 22.67
CA ALA B 8 13.56 -6.12 22.92
C ALA B 8 13.21 -7.15 21.86
N SER B 9 12.18 -6.89 21.04
CA SER B 9 11.77 -7.88 20.06
C SER B 9 12.79 -8.06 18.95
N GLY B 10 13.68 -7.10 18.74
CA GLY B 10 14.53 -7.15 17.57
C GLY B 10 13.82 -6.84 16.26
N ARG B 11 12.53 -6.48 16.29
CA ARG B 11 11.75 -6.24 15.08
C ARG B 11 11.31 -4.77 14.95
N THR B 12 12.21 -3.85 15.30
CA THR B 12 11.96 -2.43 15.14
C THR B 12 12.43 -1.89 13.80
N GLY B 13 13.24 -2.66 13.04
CA GLY B 13 13.70 -2.24 11.72
C GLY B 13 12.70 -2.57 10.62
N ARG B 14 13.10 -2.22 9.39
CA ARG B 14 12.25 -2.53 8.23
C ARG B 14 12.01 -4.04 8.19
N ARG B 15 10.74 -4.41 7.96
CA ARG B 15 10.34 -5.80 8.03
C ARG B 15 10.15 -6.35 6.61
N ASN B 16 10.73 -7.53 6.37
CA ASN B 16 10.58 -8.23 5.10
C ASN B 16 9.25 -8.96 5.05
N ALA B 17 8.68 -9.04 3.84
CA ALA B 17 7.60 -9.99 3.62
C ALA B 17 8.12 -11.42 3.77
N ILE B 18 7.21 -12.34 4.07
CA ILE B 18 7.57 -13.74 4.27
C ILE B 18 7.79 -14.36 2.91
C1 MPD C . -13.03 9.86 -2.80
C2 MPD C . -13.93 9.09 -3.74
O2 MPD C . -15.09 8.75 -2.95
CM MPD C . -14.37 10.02 -4.88
C3 MPD C . -13.29 7.80 -4.24
C4 MPD C . -13.23 6.64 -3.23
O4 MPD C . -14.48 6.16 -2.81
C5 MPD C . -12.54 5.39 -3.75
#